data_3PF8
#
_entry.id   3PF8
#
_cell.length_a   149.899
_cell.length_b   149.899
_cell.length_c   130.309
_cell.angle_alpha   90.00
_cell.angle_beta   90.00
_cell.angle_gamma   120.00
#
_symmetry.space_group_name_H-M   'H 3 2'
#
loop_
_entity.id
_entity.type
_entity.pdbx_description
1 polymer 'Cinnamoyl esterase'
2 non-polymer 'SODIUM ION'
3 water water
#
_entity_poly.entity_id   1
_entity_poly.type   'polypeptide(L)'
_entity_poly.pdbx_seq_one_letter_code
;MGSSHHHHHHSSGRENLYFQGMATITLERDGLQLVGTREEPFGEIYDMAIIFHGFTANRNTSLLREIANSLRDENIASVR
FDFNGHGDSDGKFENMTVLNEIEDANAILNYVKTDPHVRNIYLVGHSQGGVVASMLAGLYPDLIKKVVLLAPAATLKGDA
LEGNTQGVTYNPDHIPDRLPFKDLTLGGFYLRIAQQLPIYEVSAQFTKPVCLIHGTDDTVVSPNASKKYDQIYQNSTLHL
IEGADHCFSDSYQKNAVNLTTDFLQNNNAF
;
_entity_poly.pdbx_strand_id   A,B
#
loop_
_chem_comp.id
_chem_comp.type
_chem_comp.name
_chem_comp.formula
NA non-polymer 'SODIUM ION' 'Na 1'
#
# COMPACT_ATOMS: atom_id res chain seq x y z
N ASN A 16 3.71 -7.22 31.15
CA ASN A 16 3.57 -7.48 32.58
C ASN A 16 4.07 -8.87 32.96
N LEU A 17 4.51 -9.02 34.24
CA LEU A 17 5.01 -10.28 34.81
C LEU A 17 3.88 -11.21 35.32
N TYR A 18 2.80 -10.63 35.88
CA TYR A 18 1.64 -11.33 36.43
C TYR A 18 0.81 -12.09 35.37
N PHE A 19 0.33 -11.37 34.32
CA PHE A 19 -0.43 -11.97 33.22
C PHE A 19 0.55 -12.40 32.13
N GLN A 20 1.27 -13.52 32.38
CA GLN A 20 2.28 -14.10 31.50
C GLN A 20 1.95 -15.52 31.01
N GLY A 21 2.39 -15.82 29.79
CA GLY A 21 2.16 -17.07 29.10
C GLY A 21 1.62 -16.77 27.71
N MET A 22 0.27 -16.81 27.55
CA MET A 22 -0.46 -16.53 26.30
C MET A 22 -1.67 -15.60 26.52
N ALA A 23 -2.10 -14.88 25.45
CA ALA A 23 -3.22 -13.94 25.42
C ALA A 23 -3.78 -13.77 23.99
N THR A 24 -5.09 -13.49 23.87
CA THR A 24 -5.74 -13.27 22.58
C THR A 24 -6.13 -11.79 22.48
N ILE A 25 -5.44 -11.05 21.58
CA ILE A 25 -5.62 -9.61 21.39
C ILE A 25 -6.31 -9.24 20.06
N THR A 26 -7.23 -8.26 20.09
CA THR A 26 -7.97 -7.80 18.90
C THR A 26 -7.70 -6.34 18.55
N LEU A 27 -7.07 -6.14 17.39
CA LEU A 27 -6.75 -4.81 16.86
C LEU A 27 -7.73 -4.36 15.76
N GLU A 28 -7.73 -3.05 15.45
CA GLU A 28 -8.55 -2.41 14.42
C GLU A 28 -7.62 -1.76 13.37
N ARG A 29 -7.90 -1.99 12.09
CA ARG A 29 -7.15 -1.33 11.01
C ARG A 29 -8.11 -0.98 9.90
N ASP A 30 -8.29 0.35 9.73
CA ASP A 30 -9.15 0.99 8.75
C ASP A 30 -10.47 0.19 8.47
N GLY A 31 -11.26 -0.08 9.52
CA GLY A 31 -12.52 -0.81 9.45
C GLY A 31 -12.56 -2.29 9.84
N LEU A 32 -11.52 -3.09 9.47
CA LEU A 32 -11.41 -4.54 9.74
C LEU A 32 -10.92 -4.89 11.16
N GLN A 33 -10.99 -6.18 11.56
CA GLN A 33 -10.53 -6.66 12.86
C GLN A 33 -9.43 -7.72 12.72
N LEU A 34 -8.22 -7.41 13.21
CA LEU A 34 -7.05 -8.27 13.19
C LEU A 34 -6.86 -8.99 14.54
N VAL A 35 -7.34 -10.27 14.61
CA VAL A 35 -7.26 -11.08 15.82
C VAL A 35 -5.82 -11.66 15.96
N GLY A 36 -5.26 -11.57 17.17
CA GLY A 36 -3.89 -12.00 17.43
C GLY A 36 -3.59 -12.81 18.68
N THR A 37 -2.29 -13.09 18.87
CA THR A 37 -1.73 -13.86 19.98
C THR A 37 -0.50 -13.17 20.58
N ARG A 38 -0.58 -12.83 21.87
CA ARG A 38 0.53 -12.17 22.57
C ARG A 38 1.13 -13.13 23.60
N GLU A 39 2.47 -13.24 23.62
CA GLU A 39 3.21 -14.13 24.52
C GLU A 39 4.07 -13.23 25.41
N GLU A 40 3.77 -13.19 26.72
CA GLU A 40 4.48 -12.31 27.64
C GLU A 40 5.47 -13.03 28.54
N PRO A 41 6.68 -12.45 28.77
CA PRO A 41 7.63 -13.09 29.70
C PRO A 41 7.45 -12.54 31.12
N PHE A 42 8.51 -12.54 31.93
CA PHE A 42 8.47 -11.95 33.27
C PHE A 42 9.24 -10.62 33.26
N GLY A 43 8.86 -9.70 34.14
CA GLY A 43 9.41 -8.36 34.21
C GLY A 43 8.50 -7.38 33.48
N GLU A 44 8.51 -6.11 33.87
CA GLU A 44 7.64 -5.13 33.25
C GLU A 44 8.26 -4.22 32.17
N ILE A 45 9.43 -4.62 31.64
CA ILE A 45 10.21 -4.04 30.53
C ILE A 45 10.94 -5.20 29.84
N TYR A 46 10.51 -5.53 28.61
CA TYR A 46 11.06 -6.62 27.77
C TYR A 46 11.04 -6.22 26.29
N ASP A 47 11.82 -6.93 25.45
CA ASP A 47 11.86 -6.70 24.01
C ASP A 47 10.67 -7.40 23.34
N MET A 48 10.28 -6.90 22.16
CA MET A 48 9.11 -7.42 21.47
C MET A 48 9.34 -7.78 20.02
N ALA A 49 8.89 -8.99 19.65
CA ALA A 49 8.96 -9.51 18.30
C ALA A 49 7.58 -9.54 17.64
N ILE A 50 7.49 -8.95 16.44
CA ILE A 50 6.28 -8.94 15.59
C ILE A 50 6.49 -10.10 14.64
N ILE A 51 5.59 -11.09 14.69
CA ILE A 51 5.62 -12.32 13.89
C ILE A 51 4.59 -12.38 12.76
N PHE A 52 5.09 -12.47 11.50
CA PHE A 52 4.23 -12.55 10.32
C PHE A 52 4.26 -13.91 9.65
N HIS A 53 3.07 -14.47 9.44
CA HIS A 53 2.87 -15.70 8.71
C HIS A 53 2.86 -15.33 7.20
N GLY A 54 2.92 -16.34 6.36
CA GLY A 54 2.94 -16.21 4.91
C GLY A 54 1.61 -16.51 4.26
N PHE A 55 1.61 -16.45 2.93
CA PHE A 55 0.49 -16.62 2.00
C PHE A 55 -0.42 -17.84 2.25
N THR A 56 -1.73 -17.58 2.52
CA THR A 56 -2.80 -18.55 2.80
C THR A 56 -2.69 -19.23 4.18
N ALA A 57 -1.81 -18.73 5.05
CA ALA A 57 -1.61 -19.32 6.38
C ALA A 57 -2.26 -18.52 7.53
N ASN A 58 -1.83 -18.78 8.79
CA ASN A 58 -2.37 -18.18 10.01
C ASN A 58 -1.27 -18.01 11.09
N ARG A 59 -1.58 -17.20 12.13
CA ARG A 59 -0.70 -16.87 13.25
C ARG A 59 -0.27 -18.07 14.15
N ASN A 60 -0.96 -19.22 14.07
CA ASN A 60 -0.59 -20.36 14.92
C ASN A 60 -0.29 -21.62 14.16
N THR A 61 0.94 -21.70 13.65
CA THR A 61 1.49 -22.88 12.97
C THR A 61 2.74 -23.25 13.76
N SER A 62 3.12 -24.54 13.76
CA SER A 62 4.27 -25.12 14.48
C SER A 62 5.52 -24.23 14.54
N LEU A 63 5.90 -23.63 13.39
CA LEU A 63 7.04 -22.73 13.29
C LEU A 63 6.77 -21.40 14.02
N LEU A 64 5.62 -20.73 13.75
CA LEU A 64 5.29 -19.46 14.41
C LEU A 64 5.11 -19.66 15.92
N ARG A 65 4.55 -20.83 16.32
CA ARG A 65 4.32 -21.18 17.71
C ARG A 65 5.64 -21.45 18.46
N GLU A 66 6.60 -22.09 17.78
CA GLU A 66 7.89 -22.40 18.38
C GLU A 66 8.88 -21.22 18.39
N ILE A 67 8.62 -20.17 17.62
CA ILE A 67 9.46 -18.98 17.63
C ILE A 67 8.96 -18.08 18.78
N ALA A 68 7.62 -18.05 18.96
CA ALA A 68 6.90 -17.31 20.00
C ALA A 68 7.24 -17.85 21.38
N ASN A 69 7.21 -19.21 21.54
CA ASN A 69 7.53 -19.92 22.79
C ASN A 69 9.00 -19.68 23.10
N SER A 70 9.90 -20.03 22.13
CA SER A 70 11.36 -19.93 22.28
C SER A 70 11.87 -18.56 22.66
N LEU A 71 11.30 -17.49 22.11
CA LEU A 71 11.72 -16.13 22.46
C LEU A 71 11.31 -15.77 23.86
N ARG A 72 10.15 -16.27 24.32
CA ARG A 72 9.64 -16.06 25.68
C ARG A 72 10.50 -16.84 26.71
N ASP A 73 11.09 -17.98 26.30
CA ASP A 73 11.95 -18.81 27.16
C ASP A 73 13.33 -18.14 27.37
N GLU A 74 13.57 -17.01 26.67
CA GLU A 74 14.75 -16.15 26.73
C GLU A 74 14.33 -14.73 27.14
N ASN A 75 13.11 -14.62 27.70
CA ASN A 75 12.45 -13.40 28.19
C ASN A 75 12.22 -12.28 27.17
N ILE A 76 11.81 -12.66 25.94
CA ILE A 76 11.50 -11.77 24.83
C ILE A 76 10.03 -11.99 24.40
N ALA A 77 9.19 -10.95 24.51
CA ALA A 77 7.78 -11.06 24.15
C ALA A 77 7.56 -11.17 22.65
N SER A 78 6.40 -11.73 22.25
CA SER A 78 6.05 -11.92 20.84
C SER A 78 4.58 -11.67 20.52
N VAL A 79 4.32 -11.13 19.33
CA VAL A 79 2.97 -10.85 18.81
C VAL A 79 2.82 -11.40 17.39
N ARG A 80 1.74 -12.14 17.17
CA ARG A 80 1.43 -12.75 15.89
C ARG A 80 -0.02 -12.59 15.60
N PHE A 81 -0.33 -12.15 14.40
CA PHE A 81 -1.71 -11.89 14.02
C PHE A 81 -1.96 -12.53 12.72
N ASP A 82 -3.23 -12.75 12.43
CA ASP A 82 -3.66 -13.29 11.18
C ASP A 82 -3.84 -12.08 10.27
N PHE A 83 -3.40 -12.18 9.01
CA PHE A 83 -3.59 -11.08 8.06
C PHE A 83 -5.05 -11.05 7.60
N ASN A 84 -5.45 -9.97 6.94
CA ASN A 84 -6.81 -9.83 6.41
C ASN A 84 -7.03 -10.90 5.36
N GLY A 85 -8.16 -11.60 5.46
CA GLY A 85 -8.49 -12.73 4.58
C GLY A 85 -7.87 -14.06 4.99
N HIS A 86 -7.18 -14.07 6.17
CA HIS A 86 -6.49 -15.22 6.79
C HIS A 86 -6.93 -15.37 8.25
N GLY A 87 -6.93 -16.61 8.77
CA GLY A 87 -7.25 -16.96 10.15
C GLY A 87 -8.53 -16.39 10.70
N ASP A 88 -8.47 -15.86 11.94
CA ASP A 88 -9.62 -15.21 12.61
C ASP A 88 -9.78 -13.72 12.22
N SER A 89 -8.83 -13.17 11.45
CA SER A 89 -8.90 -11.78 11.01
C SER A 89 -9.90 -11.59 9.89
N ASP A 90 -10.66 -10.49 9.98
CA ASP A 90 -11.72 -10.05 9.08
C ASP A 90 -11.29 -9.84 7.62
N GLY A 91 -12.26 -9.90 6.72
CA GLY A 91 -12.04 -9.64 5.30
C GLY A 91 -12.01 -10.85 4.40
N LYS A 92 -12.34 -10.60 3.12
CA LYS A 92 -12.31 -11.62 2.08
C LYS A 92 -10.86 -11.82 1.64
N PHE A 93 -10.48 -13.08 1.37
CA PHE A 93 -9.14 -13.44 0.89
C PHE A 93 -8.90 -12.73 -0.47
N GLU A 94 -9.99 -12.56 -1.27
CA GLU A 94 -10.05 -11.86 -2.55
C GLU A 94 -9.53 -10.42 -2.47
N ASN A 95 -9.77 -9.72 -1.36
CA ASN A 95 -9.41 -8.30 -1.22
C ASN A 95 -8.02 -8.07 -0.63
N MET A 96 -7.32 -9.15 -0.25
CA MET A 96 -5.98 -9.13 0.30
C MET A 96 -4.92 -8.95 -0.82
N THR A 97 -3.97 -8.03 -0.55
CA THR A 97 -2.81 -7.66 -1.36
C THR A 97 -1.62 -7.67 -0.37
N VAL A 98 -0.38 -7.49 -0.84
CA VAL A 98 0.80 -7.46 0.04
C VAL A 98 0.80 -6.10 0.76
N LEU A 99 0.39 -5.05 0.03
CA LEU A 99 0.34 -3.64 0.43
C LEU A 99 -0.49 -3.37 1.67
N ASN A 100 -1.71 -3.93 1.76
CA ASN A 100 -2.62 -3.80 2.91
C ASN A 100 -2.32 -4.73 4.10
N GLU A 101 -1.32 -5.63 3.96
CA GLU A 101 -0.81 -6.50 5.02
C GLU A 101 0.25 -5.69 5.74
N ILE A 102 0.92 -4.79 5.00
CA ILE A 102 1.89 -3.83 5.53
C ILE A 102 1.08 -2.84 6.41
N GLU A 103 -0.15 -2.47 5.96
CA GLU A 103 -1.10 -1.61 6.67
C GLU A 103 -1.55 -2.31 7.96
N ASP A 104 -1.74 -3.65 7.88
CA ASP A 104 -2.04 -4.55 8.99
C ASP A 104 -0.84 -4.51 9.95
N ALA A 105 0.39 -4.65 9.40
CA ALA A 105 1.67 -4.62 10.13
C ALA A 105 1.91 -3.28 10.82
N ASN A 106 1.69 -2.16 10.11
CA ASN A 106 1.85 -0.80 10.63
C ASN A 106 0.96 -0.60 11.84
N ALA A 107 -0.31 -1.07 11.75
CA ALA A 107 -1.31 -1.02 12.84
C ALA A 107 -0.82 -1.77 14.09
N ILE A 108 -0.15 -2.92 13.91
CA ILE A 108 0.43 -3.73 15.00
C ILE A 108 1.59 -2.92 15.62
N LEU A 109 2.41 -2.25 14.76
CA LEU A 109 3.54 -1.42 15.18
C LEU A 109 3.06 -0.21 15.94
N ASN A 110 1.88 0.34 15.55
CA ASN A 110 1.23 1.47 16.23
C ASN A 110 0.83 1.07 17.66
N TYR A 111 0.54 -0.23 17.84
CA TYR A 111 0.18 -0.84 19.10
C TYR A 111 1.46 -1.12 19.89
N VAL A 112 2.42 -1.80 19.25
CA VAL A 112 3.70 -2.23 19.83
C VAL A 112 4.61 -1.08 20.31
N LYS A 113 4.73 0.00 19.51
CA LYS A 113 5.53 1.18 19.84
C LYS A 113 4.90 2.04 20.96
N THR A 114 3.59 1.87 21.21
CA THR A 114 2.87 2.62 22.24
C THR A 114 2.53 1.77 23.49
N ASP A 115 3.32 0.70 23.74
CA ASP A 115 3.16 -0.19 24.89
C ASP A 115 4.23 0.14 25.96
N PRO A 116 3.83 0.31 27.24
CA PRO A 116 4.81 0.66 28.30
C PRO A 116 5.96 -0.32 28.52
N HIS A 117 5.68 -1.64 28.46
CA HIS A 117 6.67 -2.67 28.73
C HIS A 117 7.65 -2.93 27.59
N VAL A 118 7.39 -2.39 26.39
CA VAL A 118 8.21 -2.64 25.19
C VAL A 118 9.51 -1.85 25.07
N ARG A 119 10.62 -2.59 25.25
CA ARG A 119 11.97 -2.08 25.17
C ARG A 119 12.32 -1.91 23.69
N ASN A 120 12.73 -2.97 23.00
CA ASN A 120 13.06 -2.89 21.57
C ASN A 120 12.05 -3.66 20.73
N ILE A 121 11.93 -3.26 19.45
CA ILE A 121 11.04 -3.89 18.49
C ILE A 121 11.89 -4.71 17.53
N TYR A 122 11.47 -5.96 17.28
CA TYR A 122 12.10 -6.89 16.34
C TYR A 122 11.07 -7.38 15.33
N LEU A 123 11.40 -7.33 14.04
CA LEU A 123 10.49 -7.79 12.99
C LEU A 123 10.85 -9.19 12.48
N VAL A 124 9.87 -10.11 12.42
CA VAL A 124 10.04 -11.52 11.98
C VAL A 124 8.90 -11.89 11.01
N GLY A 125 9.25 -12.41 9.85
CA GLY A 125 8.29 -12.83 8.83
C GLY A 125 8.71 -14.04 8.00
N HIS A 126 7.82 -15.03 7.90
CA HIS A 126 8.02 -16.22 7.06
C HIS A 126 7.28 -16.00 5.75
N SER A 127 7.87 -16.46 4.62
CA SER A 127 7.37 -16.39 3.25
C SER A 127 6.96 -14.97 2.86
N GLN A 128 5.65 -14.75 2.63
CA GLN A 128 5.07 -13.44 2.33
C GLN A 128 5.23 -12.48 3.50
N GLY A 129 5.20 -13.02 4.72
CA GLY A 129 5.43 -12.23 5.92
C GLY A 129 6.82 -11.59 5.90
N GLY A 130 7.75 -12.26 5.23
CA GLY A 130 9.14 -11.82 5.04
C GLY A 130 9.25 -10.57 4.19
N VAL A 131 8.36 -10.42 3.20
CA VAL A 131 8.28 -9.24 2.36
C VAL A 131 7.69 -8.15 3.25
N VAL A 132 6.58 -8.47 3.94
CA VAL A 132 5.89 -7.56 4.83
C VAL A 132 6.86 -7.05 5.91
N ALA A 133 7.76 -7.93 6.40
CA ALA A 133 8.80 -7.58 7.37
C ALA A 133 9.90 -6.66 6.76
N SER A 134 10.56 -7.07 5.66
CA SER A 134 11.59 -6.27 5.01
C SER A 134 11.09 -4.89 4.55
N MET A 135 9.89 -4.86 4.00
CA MET A 135 9.23 -3.67 3.51
C MET A 135 8.78 -2.75 4.67
N LEU A 136 8.34 -3.29 5.83
CA LEU A 136 8.00 -2.39 6.96
C LEU A 136 9.28 -1.97 7.69
N ALA A 137 10.31 -2.85 7.73
CA ALA A 137 11.59 -2.53 8.34
C ALA A 137 12.26 -1.34 7.66
N GLY A 138 12.10 -1.23 6.33
CA GLY A 138 12.62 -0.14 5.50
C GLY A 138 11.86 1.15 5.67
N LEU A 139 10.53 1.05 5.94
CA LEU A 139 9.70 2.23 6.20
C LEU A 139 9.88 2.71 7.65
N TYR A 140 10.33 1.79 8.57
CA TYR A 140 10.61 2.09 9.99
C TYR A 140 12.05 1.70 10.38
N PRO A 141 13.10 2.38 9.91
CA PRO A 141 14.46 1.94 10.26
C PRO A 141 14.93 2.44 11.63
N ASP A 142 14.49 3.65 12.02
CA ASP A 142 14.84 4.28 13.30
C ASP A 142 14.25 3.61 14.53
N LEU A 143 13.18 2.82 14.35
CA LEU A 143 12.50 2.11 15.43
C LEU A 143 12.91 0.67 15.53
N ILE A 144 12.85 -0.07 14.40
CA ILE A 144 13.17 -1.49 14.31
C ILE A 144 14.67 -1.67 14.58
N LYS A 145 15.01 -2.61 15.51
CA LYS A 145 16.39 -2.88 15.93
C LYS A 145 17.04 -4.05 15.19
N LYS A 146 16.30 -5.17 15.09
CA LYS A 146 16.74 -6.41 14.42
C LYS A 146 15.62 -6.98 13.55
N VAL A 147 16.00 -7.73 12.49
CA VAL A 147 15.07 -8.31 11.52
C VAL A 147 15.46 -9.77 11.20
N VAL A 148 14.47 -10.69 11.26
CA VAL A 148 14.67 -12.11 10.96
C VAL A 148 13.73 -12.53 9.83
N LEU A 149 14.31 -12.94 8.71
CA LEU A 149 13.60 -13.33 7.51
C LEU A 149 13.85 -14.82 7.20
N LEU A 150 12.80 -15.63 7.29
CA LEU A 150 12.80 -17.09 7.09
C LEU A 150 12.15 -17.35 5.74
N ALA A 151 12.92 -17.87 4.77
CA ALA A 151 12.52 -18.10 3.37
C ALA A 151 11.61 -16.94 2.86
N PRO A 152 12.10 -15.66 2.83
CA PRO A 152 11.22 -14.56 2.42
C PRO A 152 10.86 -14.52 0.94
N ALA A 153 9.54 -14.60 0.67
CA ALA A 153 8.93 -14.70 -0.65
C ALA A 153 8.96 -13.43 -1.49
N ALA A 154 10.16 -12.93 -1.78
CA ALA A 154 10.40 -11.80 -2.66
C ALA A 154 10.16 -12.29 -4.09
N THR A 155 10.27 -13.62 -4.30
CA THR A 155 10.02 -14.28 -5.58
C THR A 155 8.63 -13.92 -6.17
N LEU A 156 7.58 -13.82 -5.32
CA LEU A 156 6.18 -13.47 -5.67
C LEU A 156 6.01 -12.34 -6.73
N LYS A 157 6.93 -11.35 -6.77
CA LYS A 157 6.93 -10.24 -7.74
C LYS A 157 7.28 -10.77 -9.15
N GLY A 158 8.31 -11.64 -9.20
CA GLY A 158 8.80 -12.29 -10.40
C GLY A 158 7.86 -13.38 -10.85
N ASP A 159 7.10 -13.95 -9.88
CA ASP A 159 6.07 -14.97 -10.12
C ASP A 159 4.87 -14.27 -10.76
N ALA A 160 4.65 -12.99 -10.40
CA ALA A 160 3.54 -12.21 -10.94
C ALA A 160 3.86 -11.66 -12.32
N LEU A 161 5.12 -11.23 -12.56
CA LEU A 161 5.56 -10.74 -13.87
C LEU A 161 5.48 -11.83 -14.94
N GLU A 162 5.76 -13.10 -14.54
CA GLU A 162 5.74 -14.31 -15.37
C GLU A 162 4.33 -14.84 -15.64
N GLY A 163 3.49 -14.91 -14.59
CA GLY A 163 2.11 -15.37 -14.74
C GLY A 163 1.88 -16.79 -14.29
N ASN A 164 2.44 -17.10 -13.12
CA ASN A 164 2.35 -18.41 -12.48
C ASN A 164 2.72 -18.21 -11.05
N THR A 165 1.69 -18.08 -10.21
CA THR A 165 1.78 -17.92 -8.76
C THR A 165 1.37 -19.26 -8.21
N GLN A 166 2.34 -19.94 -7.58
CA GLN A 166 2.23 -21.25 -6.90
C GLN A 166 1.67 -22.40 -7.74
N GLY A 167 1.87 -22.33 -9.06
CA GLY A 167 1.40 -23.30 -10.03
C GLY A 167 0.20 -22.83 -10.85
N VAL A 168 -0.53 -21.81 -10.36
CA VAL A 168 -1.72 -21.29 -11.06
C VAL A 168 -1.33 -20.26 -12.12
N THR A 169 -1.55 -20.62 -13.40
CA THR A 169 -1.25 -19.82 -14.59
C THR A 169 -2.35 -18.79 -14.86
N TYR A 170 -1.94 -17.65 -15.48
CA TYR A 170 -2.74 -16.47 -15.89
C TYR A 170 -1.91 -15.52 -16.79
N ASN A 171 -2.57 -14.76 -17.70
CA ASN A 171 -1.92 -13.77 -18.57
C ASN A 171 -1.42 -12.56 -17.71
N PRO A 172 -0.09 -12.30 -17.63
CA PRO A 172 0.39 -11.18 -16.78
C PRO A 172 0.23 -9.80 -17.39
N ASP A 173 -0.43 -9.71 -18.54
CA ASP A 173 -0.67 -8.45 -19.27
C ASP A 173 -2.16 -8.16 -19.31
N HIS A 174 -2.96 -9.19 -19.03
CA HIS A 174 -4.41 -9.11 -18.94
C HIS A 174 -4.86 -9.97 -17.74
N ILE A 175 -4.35 -9.59 -16.55
CA ILE A 175 -4.65 -10.19 -15.23
C ILE A 175 -6.17 -10.09 -14.97
N PRO A 176 -6.86 -11.19 -14.58
CA PRO A 176 -8.32 -11.11 -14.37
C PRO A 176 -8.73 -10.38 -13.08
N ASP A 177 -10.04 -10.15 -12.86
CA ASP A 177 -10.57 -9.49 -11.67
C ASP A 177 -10.25 -10.36 -10.44
N ARG A 178 -10.66 -11.64 -10.51
CA ARG A 178 -10.49 -12.69 -9.52
C ARG A 178 -10.07 -13.91 -10.30
N LEU A 179 -9.36 -14.83 -9.66
CA LEU A 179 -8.88 -16.06 -10.28
C LEU A 179 -8.91 -17.20 -9.24
N PRO A 180 -9.45 -18.40 -9.58
CA PRO A 180 -9.52 -19.49 -8.58
C PRO A 180 -8.17 -19.97 -8.06
N PHE A 181 -8.11 -20.30 -6.76
CA PHE A 181 -6.89 -20.80 -6.12
C PHE A 181 -7.03 -22.26 -5.62
N LYS A 182 -6.09 -22.70 -4.74
CA LYS A 182 -6.05 -24.05 -4.14
C LYS A 182 -7.43 -24.42 -3.55
N ASP A 183 -7.97 -23.55 -2.65
CA ASP A 183 -9.26 -23.73 -2.01
C ASP A 183 -10.09 -22.44 -2.09
N LEU A 184 -9.41 -21.31 -2.29
CA LEU A 184 -10.05 -20.00 -2.28
C LEU A 184 -9.98 -19.27 -3.63
N THR A 185 -10.23 -17.94 -3.64
CA THR A 185 -10.19 -17.11 -4.84
C THR A 185 -9.25 -15.92 -4.60
N LEU A 186 -8.19 -15.83 -5.42
CA LEU A 186 -7.21 -14.76 -5.33
C LEU A 186 -7.66 -13.54 -6.13
N GLY A 187 -7.51 -12.37 -5.50
CA GLY A 187 -7.80 -11.09 -6.12
C GLY A 187 -6.76 -10.73 -7.17
N GLY A 188 -7.25 -10.20 -8.29
CA GLY A 188 -6.40 -9.77 -9.41
C GLY A 188 -5.57 -8.53 -9.11
N PHE A 189 -6.00 -7.75 -8.11
CA PHE A 189 -5.28 -6.53 -7.72
C PHE A 189 -4.05 -6.90 -6.88
N TYR A 190 -4.06 -8.11 -6.26
CA TYR A 190 -2.92 -8.68 -5.52
C TYR A 190 -1.78 -8.90 -6.55
N LEU A 191 -2.12 -9.54 -7.70
CA LEU A 191 -1.24 -9.88 -8.83
C LEU A 191 -0.57 -8.65 -9.41
N ARG A 192 -1.38 -7.65 -9.78
CA ARG A 192 -0.94 -6.35 -10.30
C ARG A 192 -0.08 -5.63 -9.22
N ILE A 193 -0.48 -5.70 -7.91
CA ILE A 193 0.28 -5.12 -6.79
C ILE A 193 1.70 -5.72 -6.66
N ALA A 194 1.81 -7.03 -6.38
CA ALA A 194 3.09 -7.73 -6.21
C ALA A 194 4.01 -7.64 -7.45
N GLN A 195 3.45 -7.71 -8.67
CA GLN A 195 4.11 -7.55 -9.98
C GLN A 195 4.94 -6.22 -10.09
N GLN A 196 4.59 -5.19 -9.29
CA GLN A 196 5.25 -3.87 -9.28
C GLN A 196 5.73 -3.40 -7.91
N LEU A 197 5.77 -4.35 -6.94
CA LEU A 197 6.19 -4.10 -5.56
C LEU A 197 7.69 -3.74 -5.43
N PRO A 198 8.00 -2.56 -4.85
CA PRO A 198 9.41 -2.18 -4.71
C PRO A 198 10.06 -2.84 -3.50
N ILE A 199 9.99 -4.18 -3.48
CA ILE A 199 10.49 -5.07 -2.45
C ILE A 199 11.92 -4.75 -2.12
N TYR A 200 12.85 -4.89 -3.08
CA TYR A 200 14.25 -4.60 -2.77
C TYR A 200 14.56 -3.18 -2.47
N GLU A 201 13.88 -2.25 -3.17
CA GLU A 201 14.02 -0.81 -3.06
C GLU A 201 13.79 -0.39 -1.63
N VAL A 202 12.55 -0.59 -1.11
CA VAL A 202 12.15 -0.26 0.28
C VAL A 202 12.96 -1.04 1.32
N SER A 203 13.12 -2.35 1.15
CA SER A 203 13.88 -3.24 2.03
C SER A 203 15.27 -2.71 2.38
N ALA A 204 16.09 -2.41 1.35
CA ALA A 204 17.46 -1.88 1.41
C ALA A 204 17.67 -0.65 2.33
N GLN A 205 16.57 0.03 2.76
CA GLN A 205 16.66 1.21 3.63
C GLN A 205 17.08 0.83 5.05
N PHE A 206 16.83 -0.42 5.45
CA PHE A 206 17.22 -0.92 6.76
C PHE A 206 18.70 -1.32 6.77
N THR A 207 19.53 -0.49 7.44
CA THR A 207 20.99 -0.68 7.63
C THR A 207 21.29 -1.57 8.86
N LYS A 208 20.34 -1.63 9.84
CA LYS A 208 20.44 -2.38 11.10
C LYS A 208 20.52 -3.94 10.96
N PRO A 209 20.92 -4.69 12.03
CA PRO A 209 21.11 -6.16 11.88
C PRO A 209 20.00 -7.03 11.30
N VAL A 210 20.28 -7.73 10.18
CA VAL A 210 19.33 -8.66 9.55
C VAL A 210 19.88 -10.09 9.57
N CYS A 211 19.05 -11.03 10.05
CA CYS A 211 19.35 -12.47 10.06
C CYS A 211 18.44 -13.13 9.02
N LEU A 212 19.05 -13.79 8.02
CA LEU A 212 18.31 -14.45 6.95
C LEU A 212 18.48 -15.98 7.00
N ILE A 213 17.35 -16.70 6.92
CA ILE A 213 17.31 -18.17 6.97
C ILE A 213 16.56 -18.72 5.76
N HIS A 214 17.19 -19.58 4.96
CA HIS A 214 16.55 -20.17 3.79
C HIS A 214 16.96 -21.63 3.65
N GLY A 215 16.04 -22.46 3.18
CA GLY A 215 16.26 -23.87 2.98
C GLY A 215 16.81 -24.15 1.60
N THR A 216 17.84 -25.02 1.50
CA THR A 216 18.48 -25.36 0.22
C THR A 216 17.49 -26.05 -0.75
N ASP A 217 16.71 -26.99 -0.20
CA ASP A 217 15.70 -27.75 -0.92
C ASP A 217 14.30 -27.12 -0.99
N ASP A 218 14.21 -25.77 -0.95
CA ASP A 218 12.94 -25.00 -1.06
C ASP A 218 12.53 -24.91 -2.56
N THR A 219 11.31 -25.35 -2.86
CA THR A 219 10.68 -25.33 -4.20
C THR A 219 9.64 -24.20 -4.32
N VAL A 220 9.36 -23.50 -3.21
CA VAL A 220 8.36 -22.42 -3.14
C VAL A 220 9.02 -21.05 -3.39
N VAL A 221 10.12 -20.77 -2.64
CA VAL A 221 10.93 -19.55 -2.70
C VAL A 221 12.35 -19.92 -3.03
N SER A 222 12.86 -19.45 -4.18
CA SER A 222 14.23 -19.73 -4.58
C SER A 222 15.21 -19.16 -3.54
N PRO A 223 16.12 -20.00 -2.95
CA PRO A 223 17.09 -19.47 -1.98
C PRO A 223 17.86 -18.22 -2.43
N ASN A 224 17.93 -17.95 -3.76
CA ASN A 224 18.54 -16.75 -4.33
C ASN A 224 17.81 -15.44 -3.89
N ALA A 225 16.56 -15.56 -3.36
CA ALA A 225 15.79 -14.42 -2.85
C ALA A 225 16.48 -13.89 -1.59
N SER A 226 16.93 -14.81 -0.72
CA SER A 226 17.66 -14.50 0.50
C SER A 226 19.09 -14.09 0.16
N LYS A 227 19.62 -14.54 -0.98
CA LYS A 227 20.98 -14.18 -1.43
C LYS A 227 20.97 -12.74 -2.00
N LYS A 228 19.90 -12.38 -2.74
CA LYS A 228 19.70 -11.02 -3.25
C LYS A 228 19.43 -10.10 -2.06
N TYR A 229 18.68 -10.58 -1.05
CA TYR A 229 18.45 -9.86 0.20
C TYR A 229 19.79 -9.51 0.84
N ASP A 230 20.58 -10.56 1.17
CA ASP A 230 21.94 -10.55 1.77
C ASP A 230 22.87 -9.56 1.04
N GLN A 231 22.90 -9.64 -0.30
CA GLN A 231 23.62 -8.78 -1.23
C GLN A 231 23.30 -7.32 -0.94
N ILE A 232 22.01 -6.97 -1.01
CA ILE A 232 21.41 -5.66 -0.83
C ILE A 232 21.52 -5.07 0.61
N TYR A 233 21.58 -5.93 1.66
CA TYR A 233 21.66 -5.43 3.04
C TYR A 233 23.06 -5.08 3.55
N GLN A 234 23.14 -3.98 4.32
CA GLN A 234 24.32 -3.39 4.97
C GLN A 234 24.83 -4.21 6.19
N ASN A 235 23.93 -4.97 6.85
CA ASN A 235 24.29 -5.82 7.99
C ASN A 235 23.47 -7.11 7.95
N SER A 236 23.83 -7.95 6.99
CA SER A 236 23.20 -9.25 6.73
C SER A 236 24.04 -10.42 7.26
N THR A 237 23.35 -11.49 7.68
CA THR A 237 23.94 -12.77 8.12
C THR A 237 23.07 -13.88 7.54
N LEU A 238 23.52 -14.49 6.44
CA LEU A 238 22.77 -15.55 5.77
C LEU A 238 23.03 -16.94 6.37
N HIS A 239 21.98 -17.75 6.51
CA HIS A 239 22.06 -19.13 6.97
C HIS A 239 21.37 -20.01 5.98
N LEU A 240 22.17 -20.80 5.24
CA LEU A 240 21.69 -21.72 4.22
C LEU A 240 21.57 -23.14 4.77
N ILE A 241 20.49 -23.36 5.53
CA ILE A 241 20.18 -24.64 6.17
C ILE A 241 19.97 -25.69 5.09
N GLU A 242 20.87 -26.70 5.07
CA GLU A 242 20.95 -27.81 4.11
C GLU A 242 19.86 -28.87 4.37
N GLY A 243 19.16 -29.26 3.30
CA GLY A 243 18.08 -30.25 3.31
C GLY A 243 16.70 -29.69 3.62
N ALA A 244 16.67 -28.53 4.30
CA ALA A 244 15.47 -27.81 4.72
C ALA A 244 14.62 -27.35 3.53
N ASP A 245 13.30 -27.36 3.74
CA ASP A 245 12.27 -26.97 2.77
C ASP A 245 11.67 -25.62 3.20
N HIS A 246 10.62 -25.17 2.52
CA HIS A 246 9.97 -23.89 2.79
C HIS A 246 9.37 -23.78 4.19
N CYS A 247 8.77 -24.86 4.69
CA CYS A 247 8.17 -24.87 6.02
C CYS A 247 9.11 -25.64 6.90
N PHE A 248 9.87 -24.90 7.71
CA PHE A 248 10.84 -25.47 8.64
C PHE A 248 10.09 -26.42 9.56
N SER A 249 10.24 -27.73 9.22
CA SER A 249 9.59 -28.91 9.80
C SER A 249 10.55 -30.06 10.03
N ASP A 250 10.25 -30.89 11.05
CA ASP A 250 10.97 -32.08 11.47
C ASP A 250 12.40 -31.75 11.95
N SER A 251 13.43 -32.35 11.34
CA SER A 251 14.83 -32.13 11.71
C SER A 251 15.36 -30.73 11.33
N TYR A 252 14.48 -29.82 10.87
CA TYR A 252 14.87 -28.48 10.44
C TYR A 252 14.19 -27.33 11.16
N GLN A 253 12.98 -27.56 11.74
CA GLN A 253 12.24 -26.55 12.52
C GLN A 253 13.08 -26.10 13.69
N LYS A 254 13.66 -27.08 14.41
CA LYS A 254 14.49 -26.84 15.59
C LYS A 254 15.72 -25.96 15.29
N ASN A 255 16.24 -26.05 14.04
CA ASN A 255 17.39 -25.27 13.53
C ASN A 255 17.02 -23.81 13.29
N ALA A 256 15.86 -23.55 12.64
CA ALA A 256 15.40 -22.19 12.33
C ALA A 256 15.04 -21.42 13.59
N VAL A 257 14.25 -22.05 14.50
CA VAL A 257 13.80 -21.47 15.77
C VAL A 257 14.96 -21.00 16.65
N ASN A 258 16.05 -21.80 16.73
CA ASN A 258 17.27 -21.50 17.48
C ASN A 258 17.98 -20.26 16.93
N LEU A 259 18.23 -20.20 15.60
CA LEU A 259 18.91 -19.08 14.93
C LEU A 259 18.18 -17.76 15.16
N THR A 260 16.84 -17.79 15.02
CA THR A 260 15.92 -16.67 15.27
C THR A 260 16.04 -16.23 16.74
N THR A 261 16.18 -17.21 17.68
CA THR A 261 16.34 -16.94 19.10
C THR A 261 17.75 -16.39 19.38
N ASP A 262 18.80 -17.14 19.01
CA ASP A 262 20.22 -16.79 19.22
C ASP A 262 20.68 -15.44 18.68
N PHE A 263 20.13 -14.99 17.54
CA PHE A 263 20.45 -13.69 16.95
C PHE A 263 19.79 -12.55 17.76
N LEU A 264 18.65 -12.87 18.41
CA LEU A 264 17.84 -11.97 19.26
C LEU A 264 18.19 -12.20 20.75
N GLN A 265 19.30 -12.94 21.01
CA GLN A 265 19.77 -13.29 22.35
C GLN A 265 20.95 -12.41 22.79
N ASN A 266 20.72 -11.62 23.83
CA ASN A 266 21.71 -10.71 24.45
C ASN A 266 21.48 -10.65 25.98
N ALA B 23 -27.14 10.01 -8.43
CA ALA B 23 -27.47 10.45 -7.07
C ALA B 23 -26.33 10.06 -6.12
N THR B 24 -26.55 10.11 -4.79
CA THR B 24 -25.53 9.73 -3.81
C THR B 24 -25.48 8.22 -3.73
N ILE B 25 -24.33 7.67 -4.17
CA ILE B 25 -24.00 6.24 -4.24
C ILE B 25 -22.98 5.87 -3.15
N THR B 26 -23.00 4.60 -2.70
CA THR B 26 -22.20 4.09 -1.59
C THR B 26 -21.46 2.74 -1.87
N LEU B 27 -20.18 2.63 -1.44
CA LEU B 27 -19.34 1.43 -1.59
C LEU B 27 -18.55 1.14 -0.32
N GLU B 28 -17.76 0.05 -0.31
CA GLU B 28 -16.95 -0.36 0.83
C GLU B 28 -15.54 -0.82 0.50
N ARG B 29 -14.59 -0.41 1.36
CA ARG B 29 -13.19 -0.74 1.23
C ARG B 29 -12.60 -1.05 2.61
N ASP B 30 -12.49 -2.37 2.91
CA ASP B 30 -11.95 -2.94 4.14
C ASP B 30 -12.68 -2.43 5.39
N GLY B 31 -14.02 -2.52 5.38
CA GLY B 31 -14.82 -2.10 6.52
C GLY B 31 -15.01 -0.62 6.70
N LEU B 32 -14.66 0.19 5.67
CA LEU B 32 -14.86 1.65 5.65
C LEU B 32 -15.82 2.02 4.50
N GLN B 33 -16.79 2.88 4.80
CA GLN B 33 -17.79 3.31 3.82
C GLN B 33 -17.25 4.46 2.97
N LEU B 34 -17.32 4.31 1.64
CA LEU B 34 -16.89 5.33 0.68
C LEU B 34 -18.11 5.89 -0.06
N VAL B 35 -18.50 7.12 0.29
CA VAL B 35 -19.67 7.79 -0.26
C VAL B 35 -19.32 8.71 -1.43
N GLY B 36 -20.10 8.61 -2.51
CA GLY B 36 -19.86 9.38 -3.73
C GLY B 36 -21.07 9.90 -4.45
N THR B 37 -20.83 10.85 -5.37
CA THR B 37 -21.89 11.43 -6.20
C THR B 37 -21.67 10.97 -7.65
N ARG B 38 -22.61 10.14 -8.15
CA ARG B 38 -22.56 9.66 -9.52
C ARG B 38 -23.30 10.70 -10.38
N GLU B 39 -22.66 11.13 -11.46
CA GLU B 39 -23.26 12.06 -12.41
C GLU B 39 -23.64 11.20 -13.61
N GLU B 40 -24.95 10.95 -13.80
CA GLU B 40 -25.44 10.03 -14.84
C GLU B 40 -26.09 10.69 -16.08
N PRO B 41 -25.67 10.32 -17.32
CA PRO B 41 -26.29 10.89 -18.51
C PRO B 41 -27.49 10.07 -18.96
N PHE B 42 -28.16 10.54 -20.01
CA PHE B 42 -29.31 9.88 -20.60
C PHE B 42 -28.82 8.83 -21.59
N GLY B 43 -29.23 7.58 -21.34
CA GLY B 43 -28.85 6.44 -22.15
C GLY B 43 -28.55 5.17 -21.37
N GLU B 44 -28.47 4.04 -22.10
CA GLU B 44 -28.17 2.70 -21.58
C GLU B 44 -26.66 2.37 -21.64
N ILE B 45 -25.97 2.87 -22.69
CA ILE B 45 -24.54 2.69 -22.92
C ILE B 45 -23.84 4.04 -22.98
N TYR B 46 -22.91 4.24 -22.07
CA TYR B 46 -22.13 5.47 -21.93
C TYR B 46 -20.79 5.16 -21.33
N ASP B 47 -19.84 6.06 -21.54
CA ASP B 47 -18.52 5.95 -20.95
C ASP B 47 -18.61 6.58 -19.58
N MET B 48 -17.68 6.25 -18.67
CA MET B 48 -17.67 6.81 -17.32
C MET B 48 -16.28 7.21 -16.86
N ALA B 49 -16.18 8.39 -16.19
CA ALA B 49 -14.94 8.94 -15.64
C ALA B 49 -14.94 8.79 -14.11
N ILE B 50 -13.76 8.63 -13.50
CA ILE B 50 -13.68 8.57 -12.03
C ILE B 50 -12.91 9.79 -11.52
N ILE B 51 -13.61 10.74 -10.90
CA ILE B 51 -13.00 12.00 -10.41
C ILE B 51 -12.41 11.88 -8.98
N PHE B 52 -11.06 11.98 -8.88
CA PHE B 52 -10.35 11.90 -7.60
C PHE B 52 -9.92 13.32 -7.14
N HIS B 53 -10.15 13.64 -5.86
CA HIS B 53 -9.75 14.93 -5.27
C HIS B 53 -8.35 14.83 -4.61
N GLY B 54 -7.82 16.00 -4.27
CA GLY B 54 -6.54 16.13 -3.61
C GLY B 54 -6.63 16.13 -2.09
N PHE B 55 -5.44 16.20 -1.47
CA PHE B 55 -5.12 16.26 -0.05
C PHE B 55 -5.84 17.44 0.64
N THR B 56 -6.69 17.15 1.65
CA THR B 56 -7.56 18.07 2.40
C THR B 56 -8.83 18.56 1.64
N ALA B 57 -9.01 18.08 0.37
CA ALA B 57 -10.15 18.42 -0.49
C ALA B 57 -11.27 17.38 -0.32
N ASN B 58 -12.40 17.55 -1.05
CA ASN B 58 -13.57 16.64 -1.02
C ASN B 58 -14.13 16.40 -2.41
N ARG B 59 -14.95 15.36 -2.56
CA ARG B 59 -15.54 14.89 -3.82
C ARG B 59 -16.18 15.99 -4.68
N ASN B 60 -17.02 16.83 -4.07
CA ASN B 60 -17.77 17.89 -4.71
C ASN B 60 -17.31 19.36 -4.46
N THR B 61 -16.14 19.71 -5.01
CA THR B 61 -15.58 21.08 -5.01
C THR B 61 -15.87 21.69 -6.38
N SER B 62 -15.84 23.03 -6.50
CA SER B 62 -16.04 23.81 -7.74
C SER B 62 -15.38 23.18 -8.98
N LEU B 63 -14.04 23.00 -8.96
CA LEU B 63 -13.32 22.43 -10.09
C LEU B 63 -13.85 21.07 -10.51
N LEU B 64 -14.01 20.13 -9.56
CA LEU B 64 -14.43 18.75 -9.82
C LEU B 64 -15.87 18.65 -10.26
N ARG B 65 -16.76 19.40 -9.57
CA ARG B 65 -18.20 19.48 -9.82
C ARG B 65 -18.52 19.92 -11.26
N GLU B 66 -17.75 20.89 -11.78
CA GLU B 66 -17.91 21.41 -13.14
C GLU B 66 -17.31 20.50 -14.20
N ILE B 67 -16.27 19.71 -13.86
CA ILE B 67 -15.69 18.69 -14.75
C ILE B 67 -16.75 17.60 -14.85
N ALA B 68 -17.31 17.20 -13.68
CA ALA B 68 -18.36 16.20 -13.54
C ALA B 68 -19.57 16.55 -14.40
N ASN B 69 -20.07 17.81 -14.28
CA ASN B 69 -21.21 18.34 -15.02
C ASN B 69 -20.96 18.36 -16.53
N SER B 70 -19.83 18.98 -16.97
CA SER B 70 -19.42 19.16 -18.37
C SER B 70 -19.41 17.88 -19.21
N LEU B 71 -18.79 16.80 -18.67
CA LEU B 71 -18.69 15.49 -19.31
C LEU B 71 -20.06 14.83 -19.49
N ARG B 72 -21.02 15.09 -18.55
CA ARG B 72 -22.39 14.60 -18.60
C ARG B 72 -23.13 15.19 -19.78
N ASP B 73 -22.82 16.45 -20.11
CA ASP B 73 -23.42 17.15 -21.25
C ASP B 73 -22.89 16.56 -22.56
N GLU B 74 -21.74 15.90 -22.52
CA GLU B 74 -21.10 15.33 -23.71
C GLU B 74 -21.16 13.80 -23.76
N ASN B 75 -22.19 13.19 -23.11
CA ASN B 75 -22.51 11.73 -23.06
C ASN B 75 -21.68 10.87 -22.08
N ILE B 76 -20.75 11.48 -21.33
CA ILE B 76 -19.84 10.80 -20.40
C ILE B 76 -20.39 10.82 -18.95
N ALA B 77 -20.42 9.66 -18.29
CA ALA B 77 -20.87 9.55 -16.90
C ALA B 77 -19.66 9.79 -16.00
N SER B 78 -19.88 9.98 -14.69
CA SER B 78 -18.82 10.27 -13.74
C SER B 78 -19.20 9.85 -12.32
N VAL B 79 -18.19 9.64 -11.48
CA VAL B 79 -18.32 9.28 -10.06
C VAL B 79 -17.17 9.97 -9.30
N ARG B 80 -17.54 10.70 -8.23
CA ARG B 80 -16.60 11.36 -7.32
C ARG B 80 -16.91 10.90 -5.92
N PHE B 81 -15.88 10.42 -5.21
CA PHE B 81 -15.97 9.87 -3.86
C PHE B 81 -15.02 10.60 -2.96
N ASP B 82 -15.36 10.64 -1.67
CA ASP B 82 -14.50 11.22 -0.67
C ASP B 82 -13.50 10.13 -0.28
N PHE B 83 -12.24 10.48 -0.06
CA PHE B 83 -11.25 9.46 0.32
C PHE B 83 -11.40 9.13 1.80
N ASN B 84 -10.79 8.00 2.25
CA ASN B 84 -10.81 7.64 3.67
C ASN B 84 -10.20 8.81 4.45
N GLY B 85 -10.92 9.31 5.45
CA GLY B 85 -10.47 10.45 6.23
C GLY B 85 -10.71 11.80 5.60
N HIS B 86 -11.53 11.85 4.53
CA HIS B 86 -11.90 13.09 3.82
C HIS B 86 -13.40 13.11 3.60
N GLY B 87 -13.99 14.31 3.65
CA GLY B 87 -15.38 14.59 3.38
C GLY B 87 -16.42 13.76 4.10
N ASP B 88 -17.24 13.03 3.33
CA ASP B 88 -18.34 12.21 3.85
C ASP B 88 -18.00 10.75 4.11
N SER B 89 -16.90 10.26 3.55
CA SER B 89 -16.46 8.86 3.72
C SER B 89 -16.01 8.55 5.16
N ASP B 90 -15.95 7.24 5.50
CA ASP B 90 -15.47 6.73 6.79
C ASP B 90 -13.95 6.86 6.82
N GLY B 91 -13.37 6.53 7.96
CA GLY B 91 -11.93 6.57 8.18
C GLY B 91 -11.41 7.85 8.80
N LYS B 92 -10.32 7.71 9.55
CA LYS B 92 -9.63 8.83 10.20
C LYS B 92 -8.60 9.41 9.21
N PHE B 93 -8.43 10.75 9.24
CA PHE B 93 -7.46 11.47 8.41
C PHE B 93 -6.04 11.10 8.87
N GLU B 94 -5.92 10.76 10.16
CA GLU B 94 -4.68 10.38 10.82
C GLU B 94 -4.08 9.12 10.22
N ASN B 95 -4.94 8.16 9.85
CA ASN B 95 -4.58 6.83 9.34
C ASN B 95 -4.69 6.71 7.80
N MET B 96 -4.78 7.88 7.12
CA MET B 96 -4.85 8.03 5.66
C MET B 96 -3.45 8.07 5.06
N THR B 97 -3.27 7.41 3.90
CA THR B 97 -2.03 7.40 3.12
C THR B 97 -2.43 7.43 1.65
N VAL B 98 -1.51 7.87 0.74
CA VAL B 98 -1.74 7.85 -0.72
C VAL B 98 -2.08 6.39 -1.14
N LEU B 99 -1.41 5.43 -0.46
CA LEU B 99 -1.51 3.97 -0.55
C LEU B 99 -2.95 3.51 -0.32
N ASN B 100 -3.51 3.72 0.92
CA ASN B 100 -4.89 3.31 1.24
C ASN B 100 -5.93 4.06 0.40
N GLU B 101 -5.55 5.23 -0.13
CA GLU B 101 -6.34 5.98 -1.07
C GLU B 101 -6.40 5.32 -2.43
N ILE B 102 -5.33 4.63 -2.86
CA ILE B 102 -5.32 3.88 -4.12
C ILE B 102 -6.23 2.64 -3.97
N GLU B 103 -6.29 2.06 -2.73
CA GLU B 103 -7.15 0.92 -2.43
C GLU B 103 -8.61 1.38 -2.49
N ASP B 104 -8.87 2.68 -2.17
CA ASP B 104 -10.19 3.30 -2.25
C ASP B 104 -10.49 3.42 -3.74
N ALA B 105 -9.50 3.92 -4.52
CA ALA B 105 -9.53 4.11 -5.97
C ALA B 105 -9.78 2.79 -6.72
N ASN B 106 -9.29 1.67 -6.15
CA ASN B 106 -9.49 0.35 -6.72
C ASN B 106 -10.89 -0.14 -6.44
N ALA B 107 -11.41 0.14 -5.22
CA ALA B 107 -12.75 -0.26 -4.80
C ALA B 107 -13.82 0.41 -5.67
N ILE B 108 -13.56 1.68 -6.08
CA ILE B 108 -14.42 2.45 -6.97
C ILE B 108 -14.38 1.82 -8.37
N LEU B 109 -13.17 1.43 -8.82
CA LEU B 109 -12.94 0.81 -10.11
C LEU B 109 -13.61 -0.59 -10.21
N ASN B 110 -13.68 -1.35 -9.06
CA ASN B 110 -14.36 -2.66 -8.94
C ASN B 110 -15.85 -2.46 -9.30
N TYR B 111 -16.50 -1.44 -8.70
CA TYR B 111 -17.88 -1.01 -8.89
C TYR B 111 -18.10 -0.59 -10.33
N VAL B 112 -17.33 0.43 -10.79
CA VAL B 112 -17.36 0.99 -12.15
C VAL B 112 -17.15 -0.11 -13.25
N LYS B 113 -16.10 -0.96 -13.13
CA LYS B 113 -15.85 -2.03 -14.13
C LYS B 113 -16.87 -3.20 -14.10
N THR B 114 -17.64 -3.32 -13.00
CA THR B 114 -18.69 -4.33 -12.83
C THR B 114 -20.09 -3.79 -13.27
N ASP B 115 -20.22 -2.46 -13.47
CA ASP B 115 -21.49 -1.82 -13.87
C ASP B 115 -21.89 -2.17 -15.31
N PRO B 116 -23.18 -2.54 -15.53
CA PRO B 116 -23.63 -2.91 -16.89
C PRO B 116 -23.65 -1.76 -17.90
N HIS B 117 -24.04 -0.54 -17.44
CA HIS B 117 -24.17 0.65 -18.26
C HIS B 117 -22.82 1.24 -18.69
N VAL B 118 -21.74 1.01 -17.91
CA VAL B 118 -20.41 1.57 -18.20
C VAL B 118 -19.69 0.80 -19.32
N ARG B 119 -19.18 1.55 -20.32
CA ARG B 119 -18.50 1.09 -21.55
C ARG B 119 -16.97 1.29 -21.47
N ASN B 120 -16.49 2.55 -21.58
CA ASN B 120 -15.06 2.82 -21.49
C ASN B 120 -14.75 3.68 -20.25
N ILE B 121 -13.74 3.25 -19.45
CA ILE B 121 -13.32 3.98 -18.24
C ILE B 121 -12.15 4.97 -18.45
N TYR B 122 -12.30 6.14 -17.82
CA TYR B 122 -11.33 7.24 -17.79
C TYR B 122 -11.05 7.61 -16.31
N LEU B 123 -9.86 8.21 -16.03
CA LEU B 123 -9.47 8.68 -14.69
C LEU B 123 -9.01 10.14 -14.73
N VAL B 124 -9.64 11.00 -13.93
CA VAL B 124 -9.32 12.42 -13.85
C VAL B 124 -8.90 12.71 -12.40
N GLY B 125 -7.71 13.26 -12.22
CA GLY B 125 -7.15 13.50 -10.89
C GLY B 125 -6.45 14.82 -10.67
N HIS B 126 -6.93 15.57 -9.67
CA HIS B 126 -6.37 16.88 -9.30
C HIS B 126 -5.59 16.77 -8.00
N SER B 127 -4.46 17.50 -7.92
CA SER B 127 -3.52 17.55 -6.78
C SER B 127 -3.05 16.13 -6.44
N GLN B 128 -3.20 15.68 -5.17
CA GLN B 128 -2.82 14.33 -4.70
C GLN B 128 -3.61 13.22 -5.41
N GLY B 129 -4.82 13.57 -5.85
CA GLY B 129 -5.69 12.68 -6.60
C GLY B 129 -5.11 12.44 -7.98
N GLY B 130 -4.17 13.30 -8.37
CA GLY B 130 -3.42 13.19 -9.61
C GLY B 130 -2.38 12.09 -9.53
N VAL B 131 -1.88 11.81 -8.31
CA VAL B 131 -0.92 10.74 -8.04
C VAL B 131 -1.75 9.47 -7.88
N VAL B 132 -2.88 9.57 -7.18
CA VAL B 132 -3.82 8.45 -6.98
C VAL B 132 -4.34 7.91 -8.35
N ALA B 133 -4.71 8.80 -9.29
CA ALA B 133 -5.21 8.42 -10.63
C ALA B 133 -4.15 7.90 -11.57
N SER B 134 -2.97 8.57 -11.63
CA SER B 134 -1.85 8.11 -12.48
C SER B 134 -1.31 6.77 -11.99
N MET B 135 -1.17 6.59 -10.67
CA MET B 135 -0.62 5.36 -10.10
C MET B 135 -1.67 4.25 -10.15
N LEU B 136 -2.98 4.59 -10.10
CA LEU B 136 -4.01 3.56 -10.25
C LEU B 136 -4.03 3.12 -11.72
N ALA B 137 -3.74 4.05 -12.64
CA ALA B 137 -3.68 3.76 -14.07
C ALA B 137 -2.41 2.99 -14.44
N GLY B 138 -1.39 3.07 -13.58
CA GLY B 138 -0.14 2.34 -13.76
C GLY B 138 -0.30 0.84 -13.54
N LEU B 139 -1.20 0.47 -12.59
CA LEU B 139 -1.58 -0.89 -12.20
C LEU B 139 -2.77 -1.44 -13.05
N TYR B 140 -3.55 -0.54 -13.66
CA TYR B 140 -4.66 -0.86 -14.56
C TYR B 140 -4.47 -0.24 -15.98
N PRO B 141 -3.30 -0.41 -16.67
CA PRO B 141 -3.13 0.23 -17.99
C PRO B 141 -3.95 -0.39 -19.13
N ASP B 142 -4.34 -1.64 -18.93
CA ASP B 142 -5.13 -2.45 -19.83
C ASP B 142 -6.61 -2.11 -19.71
N LEU B 143 -7.04 -1.60 -18.51
CA LEU B 143 -8.42 -1.25 -18.19
C LEU B 143 -8.79 0.22 -18.48
N ILE B 144 -7.94 1.15 -18.05
CA ILE B 144 -8.13 2.59 -18.18
C ILE B 144 -7.87 3.04 -19.63
N LYS B 145 -8.80 3.80 -20.21
CA LYS B 145 -8.68 4.23 -21.60
C LYS B 145 -7.99 5.57 -21.85
N LYS B 146 -8.05 6.50 -20.87
CA LYS B 146 -7.48 7.87 -20.87
C LYS B 146 -7.32 8.37 -19.43
N VAL B 147 -6.34 9.25 -19.21
CA VAL B 147 -6.07 9.86 -17.91
C VAL B 147 -5.87 11.37 -18.11
N VAL B 148 -6.58 12.19 -17.32
CA VAL B 148 -6.43 13.65 -17.38
C VAL B 148 -5.79 14.05 -16.06
N LEU B 149 -4.54 14.47 -16.10
CA LEU B 149 -3.80 14.86 -14.91
C LEU B 149 -3.73 16.36 -14.73
N LEU B 150 -4.45 16.86 -13.72
CA LEU B 150 -4.45 18.28 -13.36
C LEU B 150 -3.58 18.49 -12.14
N ALA B 151 -2.56 19.37 -12.26
CA ALA B 151 -1.59 19.68 -11.20
C ALA B 151 -1.28 18.44 -10.30
N PRO B 152 -0.70 17.32 -10.83
CA PRO B 152 -0.47 16.15 -9.97
C PRO B 152 0.63 16.35 -8.96
N ALA B 153 0.26 16.18 -7.67
CA ALA B 153 1.08 16.38 -6.50
C ALA B 153 2.23 15.36 -6.30
N ALA B 154 2.90 14.95 -7.39
CA ALA B 154 4.06 14.03 -7.39
C ALA B 154 5.29 14.66 -6.71
N THR B 155 5.16 15.91 -6.27
CA THR B 155 6.19 16.64 -5.54
C THR B 155 6.14 16.24 -4.06
N LEU B 156 5.00 15.62 -3.61
CA LEU B 156 4.74 15.16 -2.24
C LEU B 156 5.76 14.17 -1.69
N LYS B 157 6.48 13.46 -2.59
CA LYS B 157 7.54 12.51 -2.28
C LYS B 157 8.81 13.32 -1.90
N GLY B 158 9.29 14.16 -2.82
CA GLY B 158 10.46 15.02 -2.64
C GLY B 158 10.30 16.03 -1.51
N ASP B 159 9.05 16.31 -1.13
CA ASP B 159 8.67 17.23 -0.06
C ASP B 159 8.85 16.53 1.28
N ALA B 160 8.34 15.29 1.39
CA ALA B 160 8.40 14.45 2.59
C ALA B 160 9.83 14.05 2.90
N LEU B 161 10.65 13.92 1.84
CA LEU B 161 12.07 13.56 1.89
C LEU B 161 12.97 14.71 2.37
N GLU B 162 12.45 15.95 2.37
CA GLU B 162 13.23 17.13 2.81
C GLU B 162 12.72 17.77 4.12
N GLY B 163 11.83 17.06 4.81
CA GLY B 163 11.23 17.45 6.07
C GLY B 163 10.39 18.70 6.03
N ASN B 164 9.63 18.91 4.93
CA ASN B 164 8.77 20.08 4.76
C ASN B 164 7.57 19.82 3.84
N THR B 165 6.36 19.72 4.43
CA THR B 165 5.11 19.51 3.71
C THR B 165 4.15 20.66 3.96
N GLN B 166 3.85 21.40 2.87
CA GLN B 166 2.98 22.57 2.79
C GLN B 166 3.32 23.69 3.81
N GLY B 167 4.58 23.70 4.27
CA GLY B 167 5.07 24.68 5.23
C GLY B 167 5.22 24.14 6.64
N VAL B 168 4.72 22.91 6.88
CA VAL B 168 4.78 22.19 8.17
C VAL B 168 6.03 21.31 8.13
N THR B 169 6.92 21.50 9.12
CA THR B 169 8.19 20.78 9.19
C THR B 169 8.30 19.56 10.15
N TYR B 170 9.37 18.78 9.95
CA TYR B 170 9.78 17.57 10.69
C TYR B 170 11.17 17.20 10.19
N ASN B 171 11.78 16.17 10.78
CA ASN B 171 13.08 15.67 10.37
C ASN B 171 12.78 14.48 9.48
N PRO B 172 13.23 14.47 8.20
CA PRO B 172 12.89 13.31 7.34
C PRO B 172 13.48 11.96 7.77
N ASP B 173 14.41 11.96 8.76
CA ASP B 173 15.08 10.78 9.35
C ASP B 173 14.46 10.37 10.70
N HIS B 174 13.52 11.22 11.19
CA HIS B 174 12.78 11.07 12.44
C HIS B 174 11.36 11.55 12.21
N ILE B 175 10.56 10.67 11.60
CA ILE B 175 9.17 10.97 11.33
C ILE B 175 8.35 10.58 12.60
N PRO B 176 7.72 11.55 13.29
CA PRO B 176 6.94 11.23 14.50
C PRO B 176 5.69 10.38 14.22
N ASP B 177 4.99 9.94 15.27
CA ASP B 177 3.77 9.13 15.11
C ASP B 177 2.64 9.97 14.46
N ARG B 178 2.49 11.23 14.90
CA ARG B 178 1.50 12.14 14.36
C ARG B 178 2.00 13.59 14.35
N LEU B 179 1.56 14.37 13.37
CA LEU B 179 1.94 15.76 13.21
C LEU B 179 0.74 16.67 13.01
N PRO B 180 0.70 17.85 13.70
CA PRO B 180 -0.42 18.78 13.47
C PRO B 180 -0.27 19.37 12.07
N PHE B 181 -1.36 19.37 11.29
CA PHE B 181 -1.38 19.92 9.94
C PHE B 181 -2.56 20.84 9.83
N LYS B 182 -2.29 22.14 9.72
CA LYS B 182 -3.29 23.21 9.68
C LYS B 182 -4.18 23.03 10.92
N ASP B 183 -5.40 22.47 10.73
CA ASP B 183 -6.39 22.23 11.79
C ASP B 183 -6.47 20.74 12.12
N LEU B 184 -6.00 19.88 11.20
CA LEU B 184 -6.03 18.43 11.31
C LEU B 184 -4.74 17.85 11.92
N THR B 185 -4.61 16.50 11.89
CA THR B 185 -3.46 15.76 12.40
C THR B 185 -3.18 14.51 11.52
N LEU B 186 -2.19 14.57 10.61
CA LEU B 186 -1.85 13.36 9.85
C LEU B 186 -0.78 12.54 10.56
N GLY B 187 -0.83 11.23 10.33
CA GLY B 187 0.11 10.29 10.91
C GLY B 187 1.43 10.18 10.18
N GLY B 188 2.40 9.59 10.86
CA GLY B 188 3.75 9.38 10.34
C GLY B 188 3.78 8.49 9.11
N PHE B 189 3.05 7.34 9.18
CA PHE B 189 2.96 6.36 8.09
C PHE B 189 2.60 6.95 6.74
N TYR B 190 1.92 8.10 6.74
CA TYR B 190 1.54 8.84 5.54
C TYR B 190 2.83 9.34 4.90
N LEU B 191 3.73 9.90 5.74
CA LEU B 191 5.01 10.47 5.32
C LEU B 191 6.10 9.44 5.13
N ARG B 192 5.88 8.21 5.61
CA ARG B 192 6.80 7.08 5.45
C ARG B 192 6.62 6.59 4.02
N ILE B 193 5.36 6.31 3.65
CA ILE B 193 4.91 5.88 2.32
C ILE B 193 5.24 6.94 1.26
N ALA B 194 4.87 8.22 1.52
CA ALA B 194 5.12 9.35 0.61
C ALA B 194 6.59 9.43 0.21
N GLN B 195 7.50 9.28 1.18
CA GLN B 195 8.96 9.31 1.04
C GLN B 195 9.54 8.26 0.08
N GLN B 196 8.85 7.11 -0.06
CA GLN B 196 9.34 5.99 -0.89
C GLN B 196 8.29 5.47 -1.88
N LEU B 197 7.50 6.38 -2.42
CA LEU B 197 6.43 6.07 -3.34
C LEU B 197 7.00 5.99 -4.75
N PRO B 198 6.77 4.88 -5.50
CA PRO B 198 7.31 4.81 -6.86
C PRO B 198 6.31 5.49 -7.84
N ILE B 199 6.00 6.80 -7.62
CA ILE B 199 5.02 7.59 -8.38
C ILE B 199 5.16 7.46 -9.89
N TYR B 200 6.26 8.00 -10.48
CA TYR B 200 6.54 7.99 -11.91
C TYR B 200 6.73 6.59 -12.45
N GLU B 201 7.46 5.73 -11.69
CA GLU B 201 7.77 4.33 -11.98
C GLU B 201 6.50 3.53 -12.35
N VAL B 202 5.52 3.50 -11.45
CA VAL B 202 4.23 2.82 -11.62
C VAL B 202 3.40 3.48 -12.75
N SER B 203 3.37 4.82 -12.78
CA SER B 203 2.66 5.65 -13.76
C SER B 203 3.14 5.42 -15.18
N ALA B 204 4.50 5.38 -15.42
CA ALA B 204 5.10 5.16 -16.75
C ALA B 204 4.61 3.86 -17.43
N GLN B 205 3.95 2.97 -16.65
CA GLN B 205 3.31 1.75 -17.13
C GLN B 205 2.05 2.06 -17.96
N PHE B 206 1.42 3.26 -17.79
CA PHE B 206 0.26 3.67 -18.57
C PHE B 206 0.74 4.35 -19.87
N THR B 207 0.58 3.66 -21.02
CA THR B 207 1.06 4.10 -22.35
C THR B 207 0.00 4.64 -23.33
N LYS B 208 -1.29 4.59 -22.94
CA LYS B 208 -2.43 5.09 -23.71
C LYS B 208 -2.54 6.63 -23.52
N PRO B 209 -3.47 7.38 -24.20
CA PRO B 209 -3.52 8.84 -24.00
C PRO B 209 -3.60 9.37 -22.57
N VAL B 210 -2.81 10.42 -22.33
CA VAL B 210 -2.68 11.17 -21.08
C VAL B 210 -2.78 12.66 -21.45
N CYS B 211 -3.53 13.42 -20.64
CA CYS B 211 -3.69 14.87 -20.78
C CYS B 211 -3.09 15.46 -19.51
N LEU B 212 -2.12 16.38 -19.64
CA LEU B 212 -1.50 17.05 -18.50
C LEU B 212 -1.83 18.55 -18.49
N ILE B 213 -2.50 19.00 -17.42
CA ILE B 213 -2.95 20.39 -17.25
C ILE B 213 -2.30 21.02 -16.00
N HIS B 214 -1.43 22.01 -16.22
CA HIS B 214 -0.75 22.68 -15.12
C HIS B 214 -0.53 24.16 -15.41
N GLY B 215 -0.95 24.99 -14.48
CA GLY B 215 -0.79 26.42 -14.61
C GLY B 215 0.53 26.90 -14.05
N THR B 216 1.17 27.84 -14.75
CA THR B 216 2.46 28.42 -14.38
C THR B 216 2.51 29.08 -13.00
N ASP B 217 1.35 29.56 -12.51
CA ASP B 217 1.22 30.28 -11.24
C ASP B 217 0.84 29.39 -10.04
N ASP B 218 1.17 28.09 -10.12
CA ASP B 218 0.91 27.12 -9.06
C ASP B 218 1.96 27.28 -7.95
N THR B 219 1.49 27.43 -6.69
CA THR B 219 2.32 27.62 -5.49
C THR B 219 2.50 26.33 -4.66
N VAL B 220 1.46 25.48 -4.62
CA VAL B 220 1.45 24.25 -3.84
C VAL B 220 2.26 23.15 -4.54
N VAL B 221 1.92 22.86 -5.80
CA VAL B 221 2.55 21.83 -6.62
C VAL B 221 3.29 22.48 -7.79
N SER B 222 4.61 22.27 -7.89
CA SER B 222 5.46 22.85 -8.93
C SER B 222 5.08 22.39 -10.34
N PRO B 223 5.04 23.29 -11.37
CA PRO B 223 4.74 22.83 -12.76
C PRO B 223 5.76 21.84 -13.33
N ASN B 224 6.90 21.67 -12.61
CA ASN B 224 7.98 20.74 -12.93
C ASN B 224 7.60 19.27 -12.64
N ALA B 225 6.46 19.05 -11.95
CA ALA B 225 5.92 17.72 -11.67
C ALA B 225 5.26 17.25 -12.97
N SER B 226 4.45 18.14 -13.62
CA SER B 226 3.80 17.89 -14.91
C SER B 226 4.78 17.85 -16.07
N LYS B 227 5.92 18.56 -15.96
CA LYS B 227 6.98 18.55 -16.97
C LYS B 227 7.73 17.24 -16.90
N LYS B 228 7.86 16.69 -15.69
CA LYS B 228 8.53 15.41 -15.44
C LYS B 228 7.62 14.30 -16.01
N TYR B 229 6.33 14.35 -15.63
CA TYR B 229 5.27 13.44 -16.06
C TYR B 229 5.18 13.30 -17.60
N ASP B 230 5.28 14.43 -18.34
CA ASP B 230 5.27 14.50 -19.81
C ASP B 230 6.49 13.78 -20.43
N GLN B 231 7.68 13.97 -19.85
CA GLN B 231 8.92 13.33 -20.30
C GLN B 231 8.92 11.82 -20.13
N ILE B 232 8.13 11.30 -19.16
CA ILE B 232 8.01 9.88 -18.84
C ILE B 232 6.86 9.12 -19.55
N TYR B 233 5.83 9.83 -20.02
CA TYR B 233 4.70 9.18 -20.70
C TYR B 233 4.97 8.91 -22.20
N GLN B 234 4.26 7.92 -22.78
CA GLN B 234 4.42 7.55 -24.19
C GLN B 234 3.65 8.52 -25.04
N ASN B 235 2.38 8.68 -24.68
CA ASN B 235 1.41 9.54 -25.31
C ASN B 235 0.85 10.44 -24.18
N SER B 236 1.29 11.72 -24.21
CA SER B 236 0.93 12.75 -23.24
C SER B 236 0.99 14.12 -23.84
N THR B 237 -0.04 14.92 -23.57
CA THR B 237 -0.06 16.31 -24.01
C THR B 237 0.13 17.17 -22.78
N LEU B 238 1.06 18.13 -22.87
CA LEU B 238 1.36 19.07 -21.79
C LEU B 238 0.69 20.37 -22.14
N HIS B 239 -0.15 20.87 -21.23
CA HIS B 239 -0.88 22.14 -21.36
C HIS B 239 -0.51 23.03 -20.20
N LEU B 240 0.46 23.93 -20.42
CA LEU B 240 0.89 24.89 -19.40
C LEU B 240 0.09 26.20 -19.55
N ILE B 241 -1.03 26.31 -18.81
CA ILE B 241 -1.89 27.50 -18.87
C ILE B 241 -1.31 28.65 -18.05
N GLU B 242 -0.79 29.65 -18.78
CA GLU B 242 -0.18 30.88 -18.28
C GLU B 242 -1.15 31.60 -17.31
N GLY B 243 -0.70 31.78 -16.07
CA GLY B 243 -1.42 32.50 -15.02
C GLY B 243 -2.29 31.67 -14.10
N ALA B 244 -2.50 30.40 -14.42
CA ALA B 244 -3.34 29.51 -13.64
C ALA B 244 -2.67 29.06 -12.34
N ASP B 245 -3.43 29.15 -11.25
CA ASP B 245 -3.04 28.84 -9.87
C ASP B 245 -3.13 27.32 -9.56
N HIS B 246 -3.08 26.96 -8.26
CA HIS B 246 -3.19 25.57 -7.88
C HIS B 246 -4.59 25.00 -8.05
N CYS B 247 -5.60 25.54 -7.32
CA CYS B 247 -6.96 25.01 -7.41
C CYS B 247 -7.76 25.49 -8.64
N PHE B 248 -7.05 25.77 -9.75
CA PHE B 248 -7.57 26.28 -11.05
C PHE B 248 -8.78 27.21 -10.89
N SER B 249 -8.58 28.29 -10.12
CA SER B 249 -9.60 29.27 -9.72
C SER B 249 -10.03 30.30 -10.74
N ASP B 250 -11.23 30.87 -10.48
CA ASP B 250 -11.92 31.94 -11.18
C ASP B 250 -12.04 31.68 -12.69
N SER B 251 -11.46 32.56 -13.51
CA SER B 251 -11.44 32.52 -14.96
C SER B 251 -10.69 31.31 -15.54
N TYR B 252 -9.67 30.82 -14.80
CA TYR B 252 -8.82 29.70 -15.23
C TYR B 252 -9.51 28.33 -15.16
N GLN B 253 -10.65 28.24 -14.43
CA GLN B 253 -11.43 27.01 -14.30
C GLN B 253 -12.03 26.55 -15.62
N LYS B 254 -12.88 27.37 -16.27
CA LYS B 254 -13.53 27.01 -17.54
C LYS B 254 -12.58 26.41 -18.58
N ASN B 255 -11.31 26.92 -18.65
CA ASN B 255 -10.25 26.47 -19.56
C ASN B 255 -9.88 25.02 -19.23
N ALA B 256 -9.52 24.76 -17.97
CA ALA B 256 -9.15 23.46 -17.42
C ALA B 256 -10.25 22.42 -17.71
N VAL B 257 -11.50 22.76 -17.36
CA VAL B 257 -12.69 21.93 -17.59
C VAL B 257 -12.86 21.64 -19.10
N ASN B 258 -12.65 22.67 -19.97
CA ASN B 258 -12.73 22.55 -21.45
C ASN B 258 -11.75 21.56 -22.03
N LEU B 259 -10.50 21.54 -21.55
CA LEU B 259 -9.42 20.65 -22.01
C LEU B 259 -9.71 19.20 -21.62
N THR B 260 -10.28 18.99 -20.40
CA THR B 260 -10.67 17.70 -19.83
C THR B 260 -11.81 17.10 -20.66
N THR B 261 -12.83 17.94 -20.99
CA THR B 261 -13.99 17.60 -21.80
C THR B 261 -13.62 17.29 -23.24
N ASP B 262 -12.85 18.18 -23.89
CA ASP B 262 -12.40 18.01 -25.27
C ASP B 262 -11.56 16.72 -25.41
N PHE B 263 -10.66 16.47 -24.44
CA PHE B 263 -9.79 15.30 -24.43
C PHE B 263 -10.56 13.99 -24.25
N LEU B 264 -11.44 13.93 -23.25
CA LEU B 264 -12.24 12.74 -22.91
C LEU B 264 -13.22 12.20 -23.96
N GLN B 265 -13.59 13.03 -24.97
CA GLN B 265 -14.48 12.59 -26.05
C GLN B 265 -13.73 12.15 -27.34
N ASN B 266 -12.80 13.01 -27.84
CA ASN B 266 -11.95 12.87 -29.04
C ASN B 266 -11.56 11.46 -29.46
NA NA C . 4.35 0.56 -2.40
NA NA D . -26.29 -3.97 -19.21
NA NA E . -28.14 12.44 -10.77
#